data_3OAU
#
_entry.id   3OAU
#
_cell.length_a   39.301
_cell.length_b   56.628
_cell.length_c   57.653
_cell.angle_alpha   92.91
_cell.angle_beta   105.05
_cell.angle_gamma   92.74
#
_symmetry.space_group_name_H-M   'P 1'
#
loop_
_entity.id
_entity.type
_entity.pdbx_description
1 polymer 'Fab 2G12, heavy chain'
2 polymer 'Fab 2G12, light chain'
3 branched alpha-D-mannopyranose-(1-2)-alpha-D-mannopyranose
4 non-polymer 'SULFATE ION'
5 non-polymer GLYCEROL
6 water water
#
loop_
_entity_poly.entity_id
_entity_poly.type
_entity_poly.pdbx_seq_one_letter_code
_entity_poly.pdbx_strand_id
1 'polypeptide(L)'
;EVQLVESGGGLVKAGGSLRLSCGVSNFRISAHTMNWVRRVPGGGLEWVASISTSSTYRDYADAVKGRFTVSRDDLEDFVY
LQMHKMRVEDTAIYYCARKGSDRLSDNDPFDAWGPGTVVTVSPASTKGPSVFPLAPSSKSTSGGTAALGCLVKDYFPEPV
TVSWNSGALTSGVHTFPAVLQSSGLYSLSSVVTVPSSSLGTQTYICNVNHKPSNTKVDKKVEPKS
;
H
2 'polypeptide(L)'
;VVMTQSPSTLSASVGDTITITCRASQSIETWLAWYQQKPGKAPKLLIYKASTLKTGVPSRFSGSGSGTEFTLTISGLQFD
DFATYHCQHYAGYSATFGQGTRVEIKRTVAAPSVFIFPPSDEQLKSGTASVVCLLNNFYPREAKVQWKVDNALQSGNSQE
SVTEQDSKDSTYSLSSTLTLSKADYEKHKVYACEVTHQGLSSPVTKSFNRGE
;
L
#
loop_
_chem_comp.id
_chem_comp.type
_chem_comp.name
_chem_comp.formula
GOL non-polymer GLYCEROL 'C3 H8 O3'
MAN D-saccharide, alpha linking alpha-D-mannopyranose 'C6 H12 O6'
SO4 non-polymer 'SULFATE ION' 'O4 S -2'
#
# COMPACT_ATOMS: atom_id res chain seq x y z
N GLU A 1 9.36 -23.82 13.87
CA GLU A 1 8.47 -22.76 14.34
C GLU A 1 7.07 -22.92 13.74
N VAL A 2 6.05 -22.28 14.35
CA VAL A 2 4.69 -22.39 13.83
C VAL A 2 4.50 -21.55 12.58
N GLN A 3 3.85 -22.15 11.59
CA GLN A 3 3.62 -21.50 10.33
C GLN A 3 2.16 -21.70 9.94
N LEU A 4 1.58 -20.70 9.28
CA LEU A 4 0.23 -20.70 8.73
C LEU A 4 0.35 -20.30 7.28
N VAL A 5 -0.31 -21.03 6.37
CA VAL A 5 -0.25 -20.73 4.95
C VAL A 5 -1.67 -20.49 4.37
N GLU A 6 -1.92 -19.27 3.85
CA GLU A 6 -3.19 -18.99 3.16
C GLU A 6 -3.02 -19.32 1.69
N SER A 7 -4.08 -19.86 1.05
CA SER A 7 -4.12 -20.20 -0.37
C SER A 7 -5.50 -19.85 -0.91
N GLY A 8 -5.64 -19.90 -2.23
CA GLY A 8 -6.90 -19.69 -2.92
C GLY A 8 -7.22 -18.26 -3.31
N GLY A 9 -6.27 -17.36 -3.10
CA GLY A 9 -6.44 -15.96 -3.47
C GLY A 9 -6.41 -15.76 -4.98
N GLY A 10 -6.62 -14.54 -5.40
CA GLY A 10 -6.60 -14.23 -6.82
C GLY A 10 -7.70 -13.29 -7.23
N LEU A 11 -8.07 -13.39 -8.50
CA LEU A 11 -9.06 -12.57 -9.16
C LEU A 11 -10.46 -13.15 -9.09
N VAL A 12 -11.44 -12.27 -8.87
CA VAL A 12 -12.88 -12.58 -8.76
C VAL A 12 -13.67 -11.46 -9.43
N LYS A 13 -14.73 -11.82 -10.17
CA LYS A 13 -15.62 -10.82 -10.77
C LYS A 13 -16.55 -10.34 -9.67
N ALA A 14 -16.96 -9.05 -9.72
CA ALA A 14 -17.87 -8.44 -8.74
C ALA A 14 -19.23 -9.16 -8.72
N GLY A 15 -19.46 -9.89 -7.63
CA GLY A 15 -20.66 -10.68 -7.42
C GLY A 15 -20.37 -12.18 -7.45
N GLY A 16 -19.10 -12.52 -7.69
CA GLY A 16 -18.62 -13.90 -7.79
C GLY A 16 -18.29 -14.55 -6.46
N SER A 17 -17.76 -15.77 -6.53
CA SER A 17 -17.42 -16.60 -5.37
C SER A 17 -15.95 -16.99 -5.35
N LEU A 18 -15.40 -17.13 -4.14
CA LEU A 18 -14.03 -17.56 -3.93
C LEU A 18 -13.90 -18.15 -2.53
N ARG A 19 -13.14 -19.24 -2.44
CA ARG A 19 -12.89 -19.96 -1.19
C ARG A 19 -11.41 -19.88 -0.84
N LEU A 20 -11.10 -19.35 0.34
CA LEU A 20 -9.74 -19.31 0.86
C LEU A 20 -9.57 -20.47 1.79
N SER A 21 -8.33 -20.92 1.92
CA SER A 21 -7.97 -22.00 2.81
C SER A 21 -6.71 -21.59 3.55
N CYS A 22 -6.60 -22.10 4.75
CA CYS A 22 -5.47 -21.87 5.60
C CYS A 22 -5.02 -23.21 6.17
N GLY A 23 -3.77 -23.57 5.90
CA GLY A 23 -3.14 -24.78 6.40
C GLY A 23 -2.01 -24.42 7.34
N VAL A 24 -1.50 -25.38 8.11
CA VAL A 24 -0.46 -25.07 9.10
C VAL A 24 0.76 -25.99 9.05
N SER A 25 1.81 -25.61 9.81
CA SER A 25 3.02 -26.42 10.00
C SER A 25 3.46 -26.31 11.46
N ASN A 26 3.79 -27.46 12.08
CA ASN A 26 4.29 -27.60 13.47
C ASN A 26 3.30 -27.42 14.64
N PHE A 27 1.98 -27.48 14.37
CA PHE A 27 0.93 -27.42 15.42
C PHE A 27 -0.40 -27.98 14.92
N ARG A 28 -1.32 -28.33 15.84
CA ARG A 28 -2.66 -28.85 15.51
C ARG A 28 -3.66 -27.72 15.76
N ILE A 29 -4.65 -27.55 14.90
CA ILE A 29 -5.62 -26.46 15.10
C ILE A 29 -6.71 -26.71 16.13
N SER A 30 -7.02 -27.99 16.45
CA SER A 30 -8.10 -28.42 17.35
C SER A 30 -8.35 -27.61 18.62
N ALA A 31 -7.31 -27.28 19.38
CA ALA A 31 -7.48 -26.50 20.61
C ALA A 31 -7.55 -24.98 20.38
N HIS A 32 -7.52 -24.52 19.13
CA HIS A 32 -7.51 -23.08 18.84
C HIS A 32 -8.71 -22.54 18.12
N THR A 33 -9.18 -21.36 18.56
CA THR A 33 -10.15 -20.53 17.85
C THR A 33 -9.29 -19.96 16.71
N MET A 34 -9.82 -20.00 15.48
CA MET A 34 -9.11 -19.53 14.29
C MET A 34 -9.83 -18.33 13.71
N ASN A 35 -9.06 -17.40 13.13
CA ASN A 35 -9.64 -16.17 12.64
C ASN A 35 -9.15 -15.79 11.26
N TRP A 36 -9.97 -14.99 10.57
CA TRP A 36 -9.67 -14.34 9.32
C TRP A 36 -9.65 -12.84 9.56
N VAL A 37 -8.63 -12.18 9.02
CA VAL A 37 -8.39 -10.74 9.16
C VAL A 37 -8.00 -10.28 7.75
N ARG A 38 -8.31 -9.04 7.42
CA ARG A 38 -7.90 -8.50 6.13
C ARG A 38 -7.24 -7.14 6.27
N ARG A 39 -6.24 -6.88 5.42
CA ARG A 39 -5.51 -5.60 5.38
C ARG A 39 -6.09 -4.81 4.23
N VAL A 40 -6.75 -3.70 4.57
CA VAL A 40 -7.41 -2.80 3.63
C VAL A 40 -6.38 -1.81 3.06
N PRO A 41 -6.45 -1.40 1.76
CA PRO A 41 -5.41 -0.48 1.22
C PRO A 41 -5.36 0.91 1.85
N GLY A 42 -4.70 1.00 3.01
CA GLY A 42 -4.58 2.20 3.83
C GLY A 42 -3.35 2.36 4.74
N GLY A 43 -2.83 1.31 5.40
CA GLY A 43 -3.21 -0.10 5.40
C GLY A 43 -3.43 -0.67 6.79
N GLY A 44 -4.64 -0.48 7.30
CA GLY A 44 -5.06 -0.97 8.61
C GLY A 44 -5.59 -2.40 8.52
N LEU A 45 -5.80 -3.02 9.67
CA LEU A 45 -6.33 -4.38 9.73
C LEU A 45 -7.79 -4.38 10.09
N GLU A 46 -8.53 -5.36 9.58
CA GLU A 46 -9.97 -5.49 9.82
C GLU A 46 -10.28 -6.95 10.11
N TRP A 47 -10.83 -7.24 11.30
CA TRP A 47 -11.24 -8.59 11.67
C TRP A 47 -12.46 -8.99 10.81
N VAL A 48 -12.40 -10.19 10.21
CA VAL A 48 -13.45 -10.66 9.29
C VAL A 48 -14.35 -11.70 9.92
N ALA A 49 -13.77 -12.79 10.42
CA ALA A 49 -14.51 -13.92 10.96
C ALA A 49 -13.67 -14.73 11.95
N SER A 50 -14.36 -15.43 12.87
CA SER A 50 -13.73 -16.32 13.86
C SER A 50 -14.53 -17.60 13.96
N ILE A 51 -13.82 -18.72 14.14
CA ILE A 51 -14.45 -20.03 14.34
C ILE A 51 -13.88 -20.65 15.62
N SER A 52 -14.73 -20.89 16.63
CA SER A 52 -14.28 -21.47 17.90
C SER A 52 -13.93 -22.96 17.73
N THR A 53 -13.34 -23.56 18.77
CA THR A 53 -13.04 -25.00 18.82
C THR A 53 -14.37 -25.78 18.67
N SER A 54 -14.34 -26.92 17.93
CA SER A 54 -15.49 -27.78 17.63
C SER A 54 -16.59 -27.11 16.75
N SER A 55 -16.30 -25.92 16.16
CA SER A 55 -17.21 -25.16 15.28
C SER A 55 -18.51 -24.70 15.98
N THR A 56 -18.51 -24.65 17.33
CA THR A 56 -19.66 -24.25 18.15
C THR A 56 -20.12 -22.83 17.85
N TYR A 57 -19.17 -21.88 17.76
CA TYR A 57 -19.47 -20.48 17.46
C TYR A 57 -18.73 -20.01 16.22
N ARG A 58 -19.46 -19.28 15.36
CA ARG A 58 -18.94 -18.64 14.16
C ARG A 58 -19.44 -17.22 14.22
N ASP A 59 -18.51 -16.27 14.30
CA ASP A 59 -18.82 -14.85 14.39
C ASP A 59 -18.23 -14.12 13.20
N TYR A 60 -18.97 -13.13 12.68
CA TYR A 60 -18.58 -12.37 11.51
C TYR A 60 -18.71 -10.88 11.75
N ALA A 61 -17.89 -10.11 11.04
CA ALA A 61 -17.93 -8.65 11.06
C ALA A 61 -19.24 -8.22 10.37
N ASP A 62 -19.79 -7.03 10.69
CA ASP A 62 -21.04 -6.54 10.10
C ASP A 62 -20.94 -6.42 8.57
N ALA A 63 -19.77 -5.98 8.06
CA ALA A 63 -19.48 -5.78 6.64
C ALA A 63 -19.57 -7.07 5.81
N VAL A 64 -19.40 -8.25 6.45
CA VAL A 64 -19.41 -9.56 5.75
C VAL A 64 -20.56 -10.52 6.12
N LYS A 65 -21.32 -10.22 7.20
CA LYS A 65 -22.44 -11.05 7.70
C LYS A 65 -23.45 -11.45 6.63
N GLY A 66 -23.69 -12.77 6.53
CA GLY A 66 -24.61 -13.36 5.56
C GLY A 66 -23.98 -13.70 4.22
N ARG A 67 -22.82 -13.10 3.92
CA ARG A 67 -22.10 -13.32 2.65
C ARG A 67 -20.91 -14.25 2.83
N PHE A 68 -20.28 -14.23 4.02
CA PHE A 68 -19.12 -15.07 4.34
C PHE A 68 -19.47 -16.20 5.27
N THR A 69 -18.83 -17.35 5.05
CA THR A 69 -18.97 -18.54 5.88
C THR A 69 -17.59 -19.06 6.24
N VAL A 70 -17.33 -19.22 7.54
CA VAL A 70 -16.08 -19.78 8.03
C VAL A 70 -16.33 -21.24 8.45
N SER A 71 -15.38 -22.13 8.11
CA SER A 71 -15.44 -23.55 8.45
C SER A 71 -14.05 -24.07 8.79
N ARG A 72 -13.99 -25.19 9.48
CA ARG A 72 -12.75 -25.82 9.87
C ARG A 72 -12.80 -27.34 9.71
N ASP A 73 -11.65 -27.95 9.42
CA ASP A 73 -11.45 -29.39 9.30
C ASP A 73 -10.27 -29.72 10.25
N ASP A 74 -10.60 -30.07 11.49
CA ASP A 74 -9.61 -30.39 12.54
C ASP A 74 -8.77 -31.63 12.23
N LEU A 75 -9.32 -32.62 11.52
CA LEU A 75 -8.58 -33.85 11.17
C LEU A 75 -7.38 -33.57 10.26
N GLU A 76 -7.58 -32.73 9.23
CA GLU A 76 -6.53 -32.35 8.27
C GLU A 76 -5.79 -31.04 8.60
N ASP A 77 -6.29 -30.27 9.60
CA ASP A 77 -5.76 -28.99 10.10
C ASP A 77 -5.89 -27.86 9.06
N PHE A 78 -7.12 -27.63 8.55
CA PHE A 78 -7.44 -26.59 7.56
C PHE A 78 -8.64 -25.77 8.01
N VAL A 79 -8.57 -24.47 7.75
CA VAL A 79 -9.64 -23.51 8.02
C VAL A 79 -10.02 -22.86 6.69
N TYR A 80 -11.31 -22.67 6.46
CA TYR A 80 -11.79 -22.09 5.22
C TYR A 80 -12.61 -20.86 5.46
N LEU A 81 -12.65 -20.00 4.43
CA LEU A 81 -13.47 -18.82 4.33
C LEU A 81 -14.10 -18.83 2.93
N GLN A 82 -15.37 -19.18 2.90
CA GLN A 82 -16.16 -19.24 1.68
C GLN A 82 -16.81 -17.87 1.54
N MET A 83 -16.51 -17.17 0.46
CA MET A 83 -17.01 -15.84 0.18
C MET A 83 -17.93 -15.89 -1.03
N HIS A 84 -19.14 -15.31 -0.88
CA HIS A 84 -20.17 -15.19 -1.91
C HIS A 84 -20.53 -13.71 -2.06
N LYS A 85 -21.23 -13.35 -3.16
CA LYS A 85 -21.71 -11.99 -3.46
C LYS A 85 -20.63 -10.94 -3.16
N MET A 86 -19.41 -11.21 -3.63
CA MET A 86 -18.22 -10.41 -3.41
C MET A 86 -18.29 -9.03 -4.02
N ARG A 87 -17.95 -8.04 -3.20
CA ARG A 87 -17.97 -6.63 -3.57
C ARG A 87 -16.55 -6.16 -3.82
N VAL A 88 -16.38 -5.08 -4.61
CA VAL A 88 -15.07 -4.48 -4.91
C VAL A 88 -14.35 -4.12 -3.58
N GLU A 89 -15.13 -3.73 -2.55
CA GLU A 89 -14.63 -3.38 -1.22
C GLU A 89 -14.12 -4.58 -0.39
N ASP A 90 -14.17 -5.82 -0.94
CA ASP A 90 -13.62 -7.01 -0.29
C ASP A 90 -12.17 -7.21 -0.77
N THR A 91 -11.69 -6.35 -1.73
CA THR A 91 -10.31 -6.37 -2.25
C THR A 91 -9.36 -6.10 -1.08
N ALA A 92 -8.46 -7.04 -0.81
CA ALA A 92 -7.56 -6.92 0.35
C ALA A 92 -6.63 -8.10 0.41
N ILE A 93 -5.68 -8.02 1.35
CA ILE A 93 -4.82 -9.13 1.67
C ILE A 93 -5.58 -9.78 2.82
N TYR A 94 -5.80 -11.09 2.72
CA TYR A 94 -6.51 -11.81 3.75
C TYR A 94 -5.51 -12.66 4.49
N TYR A 95 -5.57 -12.65 5.83
CA TYR A 95 -4.66 -13.43 6.66
C TYR A 95 -5.47 -14.38 7.51
N CYS A 96 -4.90 -15.52 7.82
CA CYS A 96 -5.49 -16.42 8.79
C CYS A 96 -4.63 -16.28 10.06
N ALA A 97 -5.28 -16.26 11.22
CA ALA A 97 -4.58 -16.10 12.48
C ALA A 97 -5.14 -16.98 13.56
N ARG A 98 -4.27 -17.45 14.42
CA ARG A 98 -4.60 -18.32 15.51
C ARG A 98 -4.73 -17.47 16.78
N LYS A 99 -5.78 -17.74 17.58
CA LYS A 99 -5.98 -17.14 18.88
C LYS A 99 -5.25 -18.09 19.83
N GLY A 100 -4.30 -17.57 20.59
CA GLY A 100 -3.49 -18.35 21.53
C GLY A 100 -2.49 -17.53 22.32
N SER A 101 -1.83 -18.21 23.26
CA SER A 101 -0.79 -17.70 24.15
C SER A 101 -0.05 -18.92 24.69
N ASP A 102 1.08 -18.72 25.41
CA ASP A 102 1.88 -19.78 26.03
C ASP A 102 0.99 -20.75 26.85
N ARG A 103 0.06 -20.19 27.65
CA ARG A 103 -0.94 -20.92 28.44
C ARG A 103 -2.30 -20.46 27.93
N LEU A 104 -3.08 -21.38 27.34
CA LEU A 104 -4.40 -21.08 26.75
C LEU A 104 -5.46 -20.68 27.79
N SER A 105 -6.06 -19.48 27.62
CA SER A 105 -7.13 -18.93 28.46
C SER A 105 -8.37 -18.58 27.59
N ASP A 106 -9.48 -18.16 28.24
CA ASP A 106 -10.74 -17.81 27.58
C ASP A 106 -10.68 -16.61 26.64
N ASN A 107 -9.64 -15.76 26.75
CA ASN A 107 -9.46 -14.61 25.87
C ASN A 107 -7.97 -14.30 25.62
N ASP A 108 -7.43 -14.85 24.54
CA ASP A 108 -6.03 -14.71 24.13
C ASP A 108 -5.87 -13.83 22.88
N PRO A 109 -4.67 -13.23 22.66
CA PRO A 109 -4.49 -12.43 21.43
C PRO A 109 -4.20 -13.35 20.24
N PHE A 110 -3.89 -12.75 19.06
CA PHE A 110 -3.58 -13.52 17.84
C PHE A 110 -2.07 -13.74 17.81
N ASP A 111 -1.62 -14.89 18.32
CA ASP A 111 -0.19 -15.14 18.51
C ASP A 111 0.57 -15.64 17.28
N ALA A 112 -0.13 -16.08 16.24
CA ALA A 112 0.50 -16.61 15.03
C ALA A 112 -0.35 -16.29 13.83
N TRP A 113 0.28 -15.75 12.76
CA TRP A 113 -0.40 -15.32 11.54
C TRP A 113 0.30 -15.88 10.32
N GLY A 114 -0.45 -16.01 9.24
CA GLY A 114 0.08 -16.38 7.93
C GLY A 114 0.55 -15.11 7.21
N PRO A 115 1.32 -15.23 6.08
CA PRO A 115 1.80 -14.01 5.40
C PRO A 115 0.74 -13.25 4.59
N GLY A 116 -0.40 -13.91 4.36
CA GLY A 116 -1.54 -13.35 3.66
C GLY A 116 -1.65 -13.77 2.20
N THR A 117 -2.87 -13.68 1.64
CA THR A 117 -3.17 -13.96 0.25
C THR A 117 -3.93 -12.76 -0.34
N VAL A 118 -3.56 -12.33 -1.55
CA VAL A 118 -4.20 -11.19 -2.20
C VAL A 118 -5.52 -11.62 -2.85
N VAL A 119 -6.60 -10.91 -2.53
CA VAL A 119 -7.91 -11.13 -3.14
C VAL A 119 -8.27 -9.81 -3.85
N THR A 120 -8.52 -9.89 -5.17
CA THR A 120 -8.87 -8.73 -5.98
C THR A 120 -10.23 -9.00 -6.62
N VAL A 121 -11.24 -8.20 -6.24
CA VAL A 121 -12.59 -8.31 -6.74
C VAL A 121 -12.76 -7.19 -7.76
N SER A 122 -13.04 -7.52 -9.05
CA SER A 122 -13.16 -6.52 -10.12
C SER A 122 -14.06 -6.93 -11.29
N PRO A 123 -14.85 -5.98 -11.87
CA PRO A 123 -15.66 -6.33 -13.05
C PRO A 123 -14.82 -6.39 -14.34
N ALA A 124 -13.53 -6.00 -14.28
CA ALA A 124 -12.63 -5.95 -15.43
C ALA A 124 -12.09 -7.32 -15.88
N SER A 125 -11.67 -7.42 -17.16
CA SER A 125 -11.08 -8.65 -17.70
C SER A 125 -9.63 -8.40 -18.08
N THR A 126 -8.86 -9.49 -18.34
CA THR A 126 -7.44 -9.42 -18.71
C THR A 126 -7.20 -8.47 -19.88
N LYS A 127 -6.52 -7.36 -19.61
CA LYS A 127 -6.25 -6.35 -20.61
C LYS A 127 -4.78 -5.96 -20.55
N GLY A 128 -4.13 -6.04 -21.70
CA GLY A 128 -2.72 -5.69 -21.85
C GLY A 128 -2.57 -4.17 -21.72
N PRO A 129 -1.42 -3.67 -21.24
CA PRO A 129 -1.29 -2.21 -21.09
C PRO A 129 -0.99 -1.47 -22.39
N SER A 130 -1.30 -0.18 -22.38
CA SER A 130 -0.92 0.76 -23.41
C SER A 130 0.39 1.34 -22.86
N VAL A 131 1.40 1.55 -23.71
CA VAL A 131 2.67 2.07 -23.19
C VAL A 131 3.01 3.37 -23.90
N PHE A 132 2.98 4.47 -23.15
CA PHE A 132 3.27 5.79 -23.72
C PHE A 132 4.56 6.38 -23.18
N PRO A 133 5.27 7.17 -23.99
CA PRO A 133 6.50 7.81 -23.50
C PRO A 133 6.26 9.06 -22.67
N LEU A 134 7.14 9.29 -21.67
CA LEU A 134 7.13 10.52 -20.87
C LEU A 134 8.42 11.22 -21.33
N ALA A 135 8.25 12.17 -22.26
CA ALA A 135 9.38 12.84 -22.94
C ALA A 135 9.98 14.03 -22.21
N PRO A 136 11.35 14.13 -22.17
CA PRO A 136 12.00 15.28 -21.51
C PRO A 136 11.73 16.61 -22.19
N SER A 137 11.68 17.70 -21.38
CA SER A 137 11.40 19.07 -21.82
C SER A 137 12.47 19.61 -22.79
N GLY A 144 20.59 21.18 -15.79
CA GLY A 144 21.64 20.22 -15.48
C GLY A 144 21.16 18.78 -15.50
N THR A 145 20.11 18.50 -14.72
CA THR A 145 19.52 17.16 -14.62
C THR A 145 18.13 17.14 -15.24
N ALA A 146 17.89 16.15 -16.11
CA ALA A 146 16.59 15.97 -16.79
C ALA A 146 15.96 14.63 -16.42
N ALA A 147 14.70 14.42 -16.80
CA ALA A 147 14.01 13.15 -16.53
C ALA A 147 13.22 12.73 -17.74
N LEU A 148 13.11 11.41 -17.93
CA LEU A 148 12.28 10.79 -18.94
C LEU A 148 11.60 9.56 -18.36
N GLY A 149 10.55 9.07 -19.02
CA GLY A 149 9.84 7.91 -18.52
C GLY A 149 8.89 7.21 -19.46
N CYS A 150 8.08 6.30 -18.88
CA CYS A 150 7.06 5.53 -19.58
C CYS A 150 5.79 5.48 -18.73
N LEU A 151 4.66 5.77 -19.36
CA LEU A 151 3.34 5.68 -18.74
C LEU A 151 2.70 4.35 -19.20
N VAL A 152 2.40 3.45 -18.25
CA VAL A 152 1.85 2.08 -18.45
C VAL A 152 0.40 2.15 -17.98
N LYS A 153 -0.51 2.25 -18.94
CA LYS A 153 -1.91 2.59 -18.66
C LYS A 153 -2.92 1.58 -19.12
N ASP A 154 -4.04 1.49 -18.39
CA ASP A 154 -5.23 0.70 -18.71
C ASP A 154 -4.95 -0.77 -18.86
N TYR A 155 -4.33 -1.37 -17.84
CA TYR A 155 -4.04 -2.80 -17.87
C TYR A 155 -4.77 -3.49 -16.74
N PHE A 156 -4.86 -4.82 -16.85
CA PHE A 156 -5.51 -5.64 -15.85
C PHE A 156 -5.13 -7.12 -16.03
N PRO A 157 -4.76 -7.84 -14.96
CA PRO A 157 -4.61 -7.38 -13.56
C PRO A 157 -3.18 -6.95 -13.24
N GLU A 158 -2.90 -6.60 -11.98
CA GLU A 158 -1.57 -6.30 -11.51
C GLU A 158 -0.80 -7.65 -11.51
N PRO A 159 0.54 -7.71 -11.63
CA PRO A 159 1.53 -6.62 -11.74
C PRO A 159 2.07 -6.42 -13.16
N VAL A 160 2.94 -5.44 -13.31
CA VAL A 160 3.67 -5.10 -14.52
C VAL A 160 5.12 -4.85 -14.10
N THR A 161 6.08 -5.34 -14.88
CA THR A 161 7.50 -5.12 -14.60
C THR A 161 8.00 -4.05 -15.57
N VAL A 162 8.93 -3.18 -15.11
CA VAL A 162 9.53 -2.14 -15.94
C VAL A 162 11.07 -2.08 -15.77
N SER A 163 11.82 -2.17 -16.87
CA SER A 163 13.28 -2.02 -16.86
C SER A 163 13.67 -0.94 -17.87
N TRP A 164 14.88 -0.40 -17.72
CA TRP A 164 15.45 0.64 -18.57
C TRP A 164 16.72 0.17 -19.23
N ASN A 165 16.77 0.31 -20.56
CA ASN A 165 17.89 -0.13 -21.44
C ASN A 165 18.28 -1.59 -21.12
N SER A 166 17.28 -2.51 -21.02
CA SER A 166 17.46 -3.95 -20.70
C SER A 166 18.24 -4.23 -19.40
N GLY A 167 18.10 -3.33 -18.42
CA GLY A 167 18.77 -3.47 -17.12
C GLY A 167 20.08 -2.72 -16.96
N ALA A 168 20.59 -2.10 -18.03
CA ALA A 168 21.85 -1.33 -18.00
C ALA A 168 21.72 -0.06 -17.13
N LEU A 169 20.52 0.56 -17.13
CA LEU A 169 20.24 1.77 -16.37
C LEU A 169 19.35 1.47 -15.16
N THR A 170 19.95 1.48 -13.95
CA THR A 170 19.29 1.18 -12.67
C THR A 170 19.31 2.39 -11.74
N SER A 171 20.39 3.19 -11.80
CA SER A 171 20.56 4.41 -11.02
C SER A 171 19.50 5.42 -11.45
N GLY A 172 18.90 6.07 -10.47
CA GLY A 172 17.87 7.07 -10.69
C GLY A 172 16.52 6.58 -11.16
N VAL A 173 16.28 5.24 -11.18
CA VAL A 173 15.04 4.58 -11.62
C VAL A 173 13.97 4.54 -10.53
N HIS A 174 12.75 4.98 -10.85
CA HIS A 174 11.63 4.89 -9.92
C HIS A 174 10.39 4.32 -10.62
N THR A 175 9.92 3.13 -10.22
CA THR A 175 8.69 2.56 -10.74
C THR A 175 7.63 2.77 -9.64
N PHE A 176 6.63 3.59 -9.93
CA PHE A 176 5.60 3.92 -8.95
C PHE A 176 4.58 2.84 -8.72
N PRO A 177 3.99 2.75 -7.49
CA PRO A 177 2.91 1.78 -7.27
C PRO A 177 1.74 2.14 -8.21
N ALA A 178 1.06 1.13 -8.71
CA ALA A 178 -0.12 1.30 -9.60
C ALA A 178 -1.27 2.02 -8.90
N VAL A 179 -2.02 2.82 -9.69
CA VAL A 179 -3.22 3.53 -9.23
C VAL A 179 -4.41 2.89 -9.91
N LEU A 180 -5.48 2.68 -9.15
CA LEU A 180 -6.71 2.13 -9.70
C LEU A 180 -7.53 3.29 -10.25
N GLN A 181 -7.83 3.23 -11.55
CA GLN A 181 -8.62 4.26 -12.23
C GLN A 181 -10.11 3.93 -12.09
N SER A 182 -10.98 4.92 -12.35
CA SER A 182 -12.45 4.80 -12.31
C SER A 182 -12.99 3.67 -13.20
N SER A 183 -12.36 3.43 -14.36
CA SER A 183 -12.66 2.38 -15.34
C SER A 183 -12.41 0.95 -14.78
N GLY A 184 -11.66 0.86 -13.67
CA GLY A 184 -11.32 -0.41 -13.04
C GLY A 184 -10.04 -1.00 -13.59
N LEU A 185 -9.29 -0.18 -14.35
CA LEU A 185 -8.01 -0.57 -14.93
CA LEU A 185 -8.01 -0.55 -14.95
C LEU A 185 -6.88 0.15 -14.19
N TYR A 186 -5.72 -0.48 -14.15
CA TYR A 186 -4.56 0.09 -13.45
C TYR A 186 -3.73 1.00 -14.34
N SER A 187 -2.97 1.89 -13.71
CA SER A 187 -2.04 2.79 -14.38
C SER A 187 -0.83 3.02 -13.52
N LEU A 188 0.33 3.09 -14.16
CA LEU A 188 1.58 3.26 -13.43
C LEU A 188 2.56 4.04 -14.30
N SER A 189 3.52 4.71 -13.67
CA SER A 189 4.58 5.40 -14.39
CA SER A 189 4.58 5.37 -14.41
C SER A 189 5.93 4.86 -13.90
N SER A 190 6.92 4.81 -14.77
CA SER A 190 8.28 4.44 -14.39
C SER A 190 9.12 5.57 -15.00
N VAL A 191 10.02 6.16 -14.22
CA VAL A 191 10.82 7.31 -14.61
C VAL A 191 12.30 7.07 -14.28
N VAL A 192 13.19 7.89 -14.89
CA VAL A 192 14.64 7.87 -14.68
CA VAL A 192 14.66 7.87 -14.71
C VAL A 192 15.21 9.28 -14.83
N THR A 193 16.11 9.67 -13.92
CA THR A 193 16.76 10.97 -13.95
C THR A 193 18.08 10.75 -14.68
N VAL A 194 18.36 11.60 -15.68
CA VAL A 194 19.56 11.52 -16.51
C VAL A 194 20.11 12.93 -16.77
N PRO A 195 21.42 13.08 -17.06
CA PRO A 195 21.95 14.42 -17.38
C PRO A 195 21.35 15.00 -18.66
N SER A 196 21.00 16.30 -18.63
CA SER A 196 20.44 17.05 -19.75
C SER A 196 21.27 16.96 -21.03
N SER A 197 22.60 16.88 -20.90
CA SER A 197 23.53 16.79 -22.04
C SER A 197 23.41 15.46 -22.80
N SER A 198 22.95 14.38 -22.12
CA SER A 198 22.80 13.04 -22.67
C SER A 198 21.49 12.81 -23.46
N LEU A 199 20.57 13.81 -23.46
CA LEU A 199 19.25 13.72 -24.10
C LEU A 199 19.23 13.45 -25.60
N GLY A 200 20.18 14.03 -26.33
CA GLY A 200 20.32 13.85 -27.77
C GLY A 200 21.33 12.79 -28.15
N THR A 201 22.28 12.50 -27.23
CA THR A 201 23.38 11.55 -27.43
C THR A 201 23.02 10.10 -27.06
N GLN A 202 22.53 9.89 -25.81
CA GLN A 202 22.18 8.57 -25.26
C GLN A 202 20.77 8.09 -25.62
N THR A 203 20.62 6.75 -25.79
CA THR A 203 19.35 6.10 -26.10
C THR A 203 18.70 5.63 -24.82
N TYR A 204 17.39 5.89 -24.69
CA TYR A 204 16.66 5.47 -23.51
C TYR A 204 15.43 4.68 -23.93
N ILE A 205 15.42 3.39 -23.56
CA ILE A 205 14.37 2.43 -23.89
C ILE A 205 13.77 1.84 -22.62
N CYS A 206 12.43 1.93 -22.47
CA CYS A 206 11.74 1.30 -21.35
C CYS A 206 11.21 -0.05 -21.80
N ASN A 207 11.39 -1.07 -20.97
CA ASN A 207 11.00 -2.44 -21.25
C ASN A 207 9.91 -2.80 -20.31
N VAL A 208 8.73 -3.02 -20.87
CA VAL A 208 7.53 -3.32 -20.08
C VAL A 208 7.17 -4.77 -20.21
N ASN A 209 6.78 -5.41 -19.11
CA ASN A 209 6.35 -6.80 -19.14
C ASN A 209 5.07 -6.98 -18.35
N HIS A 210 4.04 -7.56 -18.99
CA HIS A 210 2.75 -7.88 -18.35
C HIS A 210 2.51 -9.35 -18.63
N LYS A 211 2.97 -10.22 -17.71
CA LYS A 211 2.86 -11.67 -17.76
C LYS A 211 1.42 -12.20 -17.96
N PRO A 212 0.34 -11.65 -17.30
CA PRO A 212 -1.01 -12.22 -17.52
C PRO A 212 -1.54 -12.19 -18.94
N SER A 213 -1.13 -11.18 -19.75
CA SER A 213 -1.56 -11.09 -21.15
C SER A 213 -0.40 -11.49 -22.09
N ASN A 214 0.75 -11.92 -21.51
CA ASN A 214 2.00 -12.30 -22.21
C ASN A 214 2.43 -11.16 -23.17
N THR A 215 2.43 -9.92 -22.63
CA THR A 215 2.76 -8.71 -23.38
C THR A 215 4.09 -8.17 -22.90
N LYS A 216 4.99 -7.94 -23.86
CA LYS A 216 6.32 -7.38 -23.65
C LYS A 216 6.43 -6.22 -24.60
N VAL A 217 6.74 -5.05 -24.06
CA VAL A 217 6.80 -3.86 -24.90
C VAL A 217 8.13 -3.18 -24.72
N ASP A 218 8.72 -2.75 -25.81
CA ASP A 218 9.94 -1.96 -25.81
C ASP A 218 9.59 -0.61 -26.37
N LYS A 219 9.79 0.45 -25.58
CA LYS A 219 9.45 1.79 -26.05
C LYS A 219 10.64 2.75 -25.92
N LYS A 220 11.08 3.31 -27.05
CA LYS A 220 12.17 4.29 -27.12
C LYS A 220 11.62 5.66 -26.70
N VAL A 221 12.29 6.31 -25.73
CA VAL A 221 11.86 7.62 -25.22
C VAL A 221 12.84 8.70 -25.67
N GLU A 222 12.37 9.66 -26.48
CA GLU A 222 13.19 10.76 -27.00
C GLU A 222 12.49 12.13 -26.80
N PRO A 223 13.23 13.27 -26.83
CA PRO A 223 12.55 14.57 -26.69
C PRO A 223 11.67 14.85 -27.92
N LYS A 224 10.49 15.45 -27.70
CA LYS A 224 9.56 15.76 -28.79
C LYS A 224 9.81 17.15 -29.34
N VAL B 1 -17.02 -1.32 19.81
CA VAL B 1 -15.86 -0.52 20.20
C VAL B 1 -15.10 -0.01 18.99
N VAL B 2 -14.69 1.27 19.03
CA VAL B 2 -13.88 1.89 17.95
C VAL B 2 -12.51 2.27 18.55
N MET B 3 -11.42 1.75 17.93
CA MET B 3 -10.04 1.98 18.32
C MET B 3 -9.45 3.11 17.48
N THR B 4 -8.90 4.15 18.10
CA THR B 4 -8.26 5.24 17.35
C THR B 4 -6.77 5.33 17.76
N GLN B 5 -5.86 5.22 16.76
CA GLN B 5 -4.41 5.30 16.96
C GLN B 5 -3.91 6.64 16.58
N SER B 6 -2.94 7.14 17.31
CA SER B 6 -2.29 8.41 17.02
C SER B 6 -0.80 8.36 17.37
N PRO B 7 0.09 8.91 16.52
CA PRO B 7 -0.20 9.57 15.23
C PRO B 7 -0.35 8.50 14.15
N SER B 8 -0.70 8.90 12.91
CA SER B 8 -0.83 7.94 11.82
CA SER B 8 -0.83 7.94 11.81
C SER B 8 0.54 7.60 11.27
N THR B 9 1.45 8.58 11.34
CA THR B 9 2.83 8.48 10.86
C THR B 9 3.73 9.08 11.91
N LEU B 10 4.85 8.44 12.16
CA LEU B 10 5.84 8.86 13.14
C LEU B 10 7.23 8.78 12.49
N SER B 11 8.00 9.88 12.55
CA SER B 11 9.36 9.96 12.02
C SER B 11 10.30 9.78 13.21
N ALA B 12 11.33 8.92 13.08
CA ALA B 12 12.28 8.75 14.20
C ALA B 12 13.67 8.31 13.74
N SER B 13 14.66 8.39 14.65
CA SER B 13 16.04 7.99 14.40
C SER B 13 16.37 6.85 15.34
N VAL B 14 17.41 6.06 15.00
CA VAL B 14 17.88 4.97 15.85
C VAL B 14 18.31 5.54 17.21
N GLY B 15 17.83 4.94 18.29
CA GLY B 15 18.15 5.38 19.64
C GLY B 15 17.08 6.26 20.24
N ASP B 16 16.13 6.78 19.41
CA ASP B 16 15.04 7.60 19.97
C ASP B 16 14.07 6.79 20.84
N THR B 17 13.33 7.51 21.69
CA THR B 17 12.26 6.92 22.49
C THR B 17 10.96 7.39 21.81
N ILE B 18 10.11 6.44 21.38
CA ILE B 18 8.87 6.84 20.70
C ILE B 18 7.65 6.31 21.41
N THR B 19 6.50 6.97 21.22
CA THR B 19 5.27 6.60 21.86
C THR B 19 4.13 6.60 20.83
N ILE B 20 3.30 5.56 20.85
CA ILE B 20 2.11 5.39 20.00
C ILE B 20 0.93 5.26 20.95
N THR B 21 -0.15 6.01 20.69
CA THR B 21 -1.34 5.98 21.51
C THR B 21 -2.49 5.28 20.79
N CYS B 22 -3.30 4.55 21.57
CA CYS B 22 -4.51 3.86 21.13
C CYS B 22 -5.60 4.36 22.12
N ARG B 23 -6.68 4.95 21.60
CA ARG B 23 -7.81 5.38 22.41
C ARG B 23 -9.02 4.54 22.02
N ALA B 24 -9.69 3.96 23.01
CA ALA B 24 -10.88 3.17 22.73
C ALA B 24 -12.10 4.06 23.00
N SER B 25 -13.15 3.90 22.17
CA SER B 25 -14.39 4.68 22.28
C SER B 25 -15.10 4.47 23.62
N GLN B 26 -14.94 3.27 24.21
CA GLN B 26 -15.45 2.84 25.52
C GLN B 26 -14.36 2.06 26.27
N SER B 27 -14.50 1.86 27.60
CA SER B 27 -13.50 1.10 28.37
C SER B 27 -13.39 -0.37 27.95
N ILE B 28 -12.16 -0.85 27.73
CA ILE B 28 -11.93 -2.26 27.35
C ILE B 28 -11.03 -2.95 28.38
N GLU B 29 -10.97 -2.39 29.61
CA GLU B 29 -10.14 -2.86 30.72
C GLU B 29 -8.67 -2.95 30.21
N THR B 30 -8.05 -4.13 30.20
CA THR B 30 -6.70 -4.30 29.67
C THR B 30 -6.71 -5.29 28.48
N TRP B 31 -7.85 -5.49 27.83
CA TRP B 31 -7.95 -6.40 26.69
C TRP B 31 -7.42 -5.81 25.40
N LEU B 32 -6.13 -5.44 25.41
CA LEU B 32 -5.51 -4.83 24.25
C LEU B 32 -4.20 -5.49 23.87
N ALA B 33 -3.97 -5.64 22.54
CA ALA B 33 -2.73 -6.21 22.02
C ALA B 33 -2.11 -5.27 21.01
N TRP B 34 -0.77 -5.31 20.88
CA TRP B 34 -0.02 -4.53 19.91
C TRP B 34 0.71 -5.47 18.98
N TYR B 35 0.68 -5.17 17.67
CA TYR B 35 1.35 -5.97 16.64
C TYR B 35 2.28 -5.11 15.81
N GLN B 36 3.34 -5.75 15.31
CA GLN B 36 4.25 -5.12 14.39
C GLN B 36 4.05 -5.79 13.00
N GLN B 37 4.07 -5.00 11.93
CA GLN B 37 3.98 -5.54 10.57
C GLN B 37 4.87 -4.81 9.61
N LYS B 38 5.64 -5.56 8.82
CA LYS B 38 6.49 -4.99 7.80
C LYS B 38 5.79 -5.20 6.45
N PRO B 39 5.98 -4.31 5.45
CA PRO B 39 5.25 -4.45 4.17
C PRO B 39 5.43 -5.81 3.53
N GLY B 40 4.30 -6.42 3.14
CA GLY B 40 4.25 -7.73 2.48
C GLY B 40 4.52 -8.89 3.42
N LYS B 41 4.58 -8.63 4.75
CA LYS B 41 4.89 -9.65 5.75
C LYS B 41 3.74 -9.89 6.73
N ALA B 42 3.82 -11.01 7.46
CA ALA B 42 2.82 -11.35 8.46
C ALA B 42 2.91 -10.41 9.68
N PRO B 43 1.78 -9.99 10.30
CA PRO B 43 1.87 -9.27 11.58
C PRO B 43 2.50 -10.16 12.64
N LYS B 44 3.18 -9.56 13.62
CA LYS B 44 3.84 -10.24 14.72
C LYS B 44 3.34 -9.68 16.05
N LEU B 45 2.91 -10.55 16.95
CA LEU B 45 2.44 -10.13 18.27
C LEU B 45 3.59 -9.62 19.12
N LEU B 46 3.44 -8.43 19.77
CA LEU B 46 4.47 -7.88 20.63
C LEU B 46 4.06 -7.91 22.08
N ILE B 47 2.86 -7.38 22.36
CA ILE B 47 2.36 -7.15 23.71
C ILE B 47 0.90 -7.49 23.76
N TYR B 48 0.45 -8.15 24.83
CA TYR B 48 -0.96 -8.50 25.05
C TYR B 48 -1.36 -8.19 26.48
N LYS B 49 -2.69 -8.19 26.77
CA LYS B 49 -3.22 -7.84 28.09
C LYS B 49 -2.67 -6.45 28.49
N ALA B 50 -2.60 -5.57 27.46
CA ALA B 50 -2.08 -4.20 27.51
C ALA B 50 -0.58 -4.04 27.81
N SER B 51 -0.01 -4.84 28.72
CA SER B 51 1.39 -4.65 29.13
C SER B 51 2.23 -5.94 29.23
N THR B 52 1.68 -7.11 28.88
CA THR B 52 2.51 -8.32 28.93
C THR B 52 3.32 -8.44 27.65
N LEU B 53 4.65 -8.54 27.78
CA LEU B 53 5.54 -8.71 26.63
C LEU B 53 5.53 -10.17 26.21
N LYS B 54 5.32 -10.45 24.89
CA LYS B 54 5.35 -11.83 24.40
C LYS B 54 6.78 -12.34 24.54
N THR B 55 6.92 -13.62 24.93
CA THR B 55 8.25 -14.24 25.09
C THR B 55 9.00 -14.14 23.76
N GLY B 56 10.24 -13.70 23.84
CA GLY B 56 11.10 -13.50 22.68
C GLY B 56 11.12 -12.06 22.17
N VAL B 57 10.17 -11.23 22.59
CA VAL B 57 10.13 -9.82 22.11
C VAL B 57 11.18 -8.97 22.85
N PRO B 58 11.99 -8.10 22.20
CA PRO B 58 12.97 -7.29 22.97
C PRO B 58 12.35 -6.38 24.04
N SER B 59 13.04 -6.23 25.19
CA SER B 59 12.57 -5.45 26.33
C SER B 59 12.42 -3.95 26.07
N ARG B 60 12.97 -3.42 24.96
CA ARG B 60 12.77 -2.00 24.58
C ARG B 60 11.27 -1.71 24.27
N PHE B 61 10.47 -2.78 24.01
CA PHE B 61 9.03 -2.63 23.78
C PHE B 61 8.27 -2.70 25.11
N SER B 62 7.41 -1.70 25.40
CA SER B 62 6.62 -1.78 26.62
C SER B 62 5.22 -1.25 26.36
N GLY B 63 4.22 -1.87 26.98
CA GLY B 63 2.82 -1.45 26.83
C GLY B 63 2.24 -0.92 28.12
N SER B 64 1.46 0.14 28.06
CA SER B 64 0.88 0.68 29.31
C SER B 64 -0.53 1.19 29.07
N GLY B 65 -1.21 1.52 30.15
CA GLY B 65 -2.57 2.05 30.10
C GLY B 65 -3.64 1.03 30.40
N SER B 66 -4.88 1.52 30.50
CA SER B 66 -6.07 0.74 30.83
C SER B 66 -7.29 1.58 30.47
N GLY B 67 -8.47 0.95 30.47
CA GLY B 67 -9.73 1.62 30.21
C GLY B 67 -9.86 2.10 28.78
N THR B 68 -9.58 3.38 28.54
CA THR B 68 -9.73 3.95 27.19
C THR B 68 -8.45 4.53 26.61
N GLU B 69 -7.33 4.56 27.36
CA GLU B 69 -6.04 5.16 26.94
C GLU B 69 -4.96 4.13 27.08
N PHE B 70 -4.25 3.86 25.97
CA PHE B 70 -3.19 2.87 25.91
C PHE B 70 -2.01 3.44 25.16
N THR B 71 -0.81 2.99 25.51
CA THR B 71 0.43 3.48 24.92
C THR B 71 1.38 2.32 24.66
N LEU B 72 2.08 2.37 23.51
CA LEU B 72 3.15 1.47 23.15
C LEU B 72 4.36 2.36 23.11
N THR B 73 5.41 2.02 23.88
CA THR B 73 6.64 2.79 23.95
C THR B 73 7.77 1.91 23.46
N ILE B 74 8.64 2.48 22.64
CA ILE B 74 9.83 1.83 22.17
C ILE B 74 10.95 2.67 22.71
N SER B 75 11.66 2.15 23.72
CA SER B 75 12.73 2.90 24.38
C SER B 75 14.08 2.52 23.76
N GLY B 76 14.58 3.36 22.85
CA GLY B 76 15.83 3.11 22.16
C GLY B 76 15.55 2.38 20.86
N LEU B 77 14.81 3.01 19.96
CA LEU B 77 14.44 2.46 18.65
C LEU B 77 15.65 1.91 17.87
N GLN B 78 15.49 0.70 17.29
CA GLN B 78 16.54 0.06 16.51
C GLN B 78 16.13 -0.01 15.07
N PHE B 79 17.10 -0.20 14.19
CA PHE B 79 16.87 -0.23 12.74
C PHE B 79 15.74 -1.19 12.29
N ASP B 80 15.61 -2.32 12.97
CA ASP B 80 14.60 -3.34 12.67
C ASP B 80 13.16 -2.96 13.09
N ASP B 81 12.98 -1.84 13.84
CA ASP B 81 11.71 -1.36 14.35
C ASP B 81 10.88 -0.48 13.41
N PHE B 82 11.47 -0.03 12.29
CA PHE B 82 10.75 0.78 11.31
C PHE B 82 9.79 -0.15 10.62
N ALA B 83 8.49 0.08 10.86
CA ALA B 83 7.40 -0.82 10.50
C ALA B 83 6.09 -0.15 10.81
N THR B 84 4.97 -0.86 10.59
CA THR B 84 3.66 -0.34 10.99
C THR B 84 3.31 -1.07 12.27
N TYR B 85 2.67 -0.36 13.19
CA TYR B 85 2.25 -0.90 14.48
C TYR B 85 0.75 -0.79 14.54
N HIS B 86 0.10 -1.88 14.98
CA HIS B 86 -1.36 -1.93 15.07
C HIS B 86 -1.80 -2.26 16.49
N CYS B 87 -2.82 -1.53 17.01
CA CYS B 87 -3.40 -1.92 18.30
C CYS B 87 -4.66 -2.72 18.01
N GLN B 88 -5.04 -3.61 18.93
CA GLN B 88 -6.21 -4.46 18.77
C GLN B 88 -6.97 -4.66 20.10
N HIS B 89 -8.32 -4.52 20.05
CA HIS B 89 -9.13 -4.91 21.17
C HIS B 89 -9.57 -6.33 20.82
N TYR B 90 -9.28 -7.28 21.71
CA TYR B 90 -9.68 -8.67 21.48
C TYR B 90 -10.64 -9.18 22.56
N ALA B 91 -11.72 -9.83 22.11
CA ALA B 91 -12.74 -10.46 22.94
C ALA B 91 -12.77 -11.95 22.59
N GLY B 92 -13.51 -12.74 23.34
CA GLY B 92 -13.59 -14.19 23.16
C GLY B 92 -13.78 -14.69 21.74
N TYR B 93 -14.70 -14.07 20.98
CA TYR B 93 -15.00 -14.51 19.61
C TYR B 93 -15.01 -13.40 18.55
N SER B 94 -14.38 -12.24 18.85
CA SER B 94 -14.26 -11.11 17.91
C SER B 94 -13.10 -10.20 18.29
N ALA B 95 -12.74 -9.28 17.39
CA ALA B 95 -11.67 -8.31 17.60
C ALA B 95 -11.89 -7.05 16.77
N THR B 96 -11.24 -5.97 17.15
CA THR B 96 -11.27 -4.71 16.41
C THR B 96 -9.90 -4.10 16.45
N PHE B 97 -9.49 -3.47 15.35
CA PHE B 97 -8.15 -2.92 15.25
C PHE B 97 -8.21 -1.42 15.04
N GLY B 98 -7.13 -0.74 15.44
CA GLY B 98 -6.93 0.68 15.16
C GLY B 98 -6.51 0.80 13.70
N GLN B 99 -6.24 2.01 13.22
CA GLN B 99 -5.90 2.22 11.83
C GLN B 99 -4.42 1.98 11.44
N GLY B 100 -3.56 1.75 12.42
CA GLY B 100 -2.14 1.51 12.19
C GLY B 100 -1.32 2.80 12.25
N THR B 101 -0.07 2.68 12.72
CA THR B 101 0.89 3.80 12.80
C THR B 101 2.19 3.35 12.10
N ARG B 102 2.59 4.08 11.04
CA ARG B 102 3.83 3.77 10.37
C ARG B 102 4.99 4.58 10.99
N VAL B 103 6.05 3.88 11.41
CA VAL B 103 7.24 4.52 11.93
C VAL B 103 8.24 4.54 10.82
N GLU B 104 8.65 5.75 10.40
CA GLU B 104 9.59 5.92 9.29
C GLU B 104 10.89 6.56 9.76
N ILE B 105 11.96 6.43 8.94
CA ILE B 105 13.32 6.87 9.24
C ILE B 105 13.45 8.36 9.00
N LYS B 106 13.94 9.06 10.02
CA LYS B 106 14.17 10.49 9.93
C LYS B 106 15.50 10.76 9.21
N ARG B 107 15.53 11.82 8.40
CA ARG B 107 16.72 12.28 7.72
C ARG B 107 16.59 13.80 7.53
N THR B 108 17.62 14.49 7.01
CA THR B 108 17.57 15.94 6.80
C THR B 108 16.55 16.30 5.73
N VAL B 109 15.94 17.51 5.82
CA VAL B 109 14.96 17.99 4.84
C VAL B 109 15.59 18.08 3.44
N ALA B 110 14.94 17.50 2.42
CA ALA B 110 15.44 17.52 1.06
C ALA B 110 14.31 17.96 0.14
N ALA B 111 14.54 19.06 -0.60
CA ALA B 111 13.58 19.60 -1.56
C ALA B 111 13.41 18.66 -2.76
N PRO B 112 12.18 18.55 -3.34
CA PRO B 112 12.05 17.73 -4.55
C PRO B 112 12.60 18.43 -5.79
N SER B 113 13.08 17.62 -6.74
CA SER B 113 13.45 18.06 -8.09
C SER B 113 12.11 17.83 -8.81
N VAL B 114 11.60 18.83 -9.59
CA VAL B 114 10.29 18.79 -10.27
C VAL B 114 10.41 18.71 -11.80
N PHE B 115 9.62 17.80 -12.44
CA PHE B 115 9.62 17.65 -13.91
C PHE B 115 8.19 17.50 -14.37
N ILE B 116 7.85 18.12 -15.53
CA ILE B 116 6.53 17.98 -16.11
C ILE B 116 6.65 17.22 -17.43
N PHE B 117 5.63 16.40 -17.76
CA PHE B 117 5.63 15.65 -19.03
C PHE B 117 4.36 15.84 -19.75
N PRO B 118 4.40 16.33 -21.01
CA PRO B 118 3.16 16.43 -21.78
C PRO B 118 2.63 15.08 -22.23
N PRO B 119 1.33 14.96 -22.63
CA PRO B 119 0.86 13.68 -23.19
C PRO B 119 1.49 13.45 -24.57
N SER B 120 1.55 12.18 -24.95
CA SER B 120 2.08 11.80 -26.24
C SER B 120 0.98 11.94 -27.29
N ASP B 121 1.36 12.17 -28.56
CA ASP B 121 0.40 12.27 -29.65
C ASP B 121 -0.37 10.98 -29.80
N GLU B 122 0.31 9.83 -29.56
CA GLU B 122 -0.22 8.47 -29.60
C GLU B 122 -1.40 8.32 -28.61
N GLN B 123 -1.25 8.84 -27.38
CA GLN B 123 -2.34 8.75 -26.42
C GLN B 123 -3.58 9.54 -26.83
N LEU B 124 -3.42 10.71 -27.43
CA LEU B 124 -4.58 11.52 -27.83
C LEU B 124 -5.62 10.78 -28.70
N LYS B 125 -5.16 9.87 -29.59
CA LYS B 125 -6.01 9.03 -30.46
C LYS B 125 -6.91 8.08 -29.64
N SER B 126 -6.49 7.75 -28.39
CA SER B 126 -7.26 6.91 -27.47
C SER B 126 -8.46 7.68 -26.87
N GLY B 127 -8.38 9.01 -26.92
CA GLY B 127 -9.42 9.90 -26.40
C GLY B 127 -9.17 10.54 -25.06
N THR B 128 -7.96 10.33 -24.50
CA THR B 128 -7.56 10.85 -23.20
C THR B 128 -6.13 11.46 -23.28
N ALA B 129 -5.84 12.40 -22.39
CA ALA B 129 -4.54 13.04 -22.30
C ALA B 129 -4.07 12.95 -20.87
N SER B 130 -2.88 12.38 -20.65
CA SER B 130 -2.35 12.30 -19.29
C SER B 130 -1.16 13.22 -19.21
N VAL B 131 -1.19 14.13 -18.24
CA VAL B 131 -0.10 15.06 -18.00
C VAL B 131 0.52 14.57 -16.70
N VAL B 132 1.83 14.34 -16.70
CA VAL B 132 2.49 13.79 -15.52
C VAL B 132 3.46 14.81 -14.90
N CYS B 133 3.44 14.88 -13.56
CA CYS B 133 4.34 15.72 -12.77
C CYS B 133 5.15 14.76 -11.90
N LEU B 134 6.48 14.84 -11.98
CA LEU B 134 7.33 13.99 -11.15
C LEU B 134 8.06 14.83 -10.07
N LEU B 135 8.01 14.39 -8.79
CA LEU B 135 8.72 15.05 -7.65
C LEU B 135 9.74 14.04 -7.23
N ASN B 136 11.01 14.31 -7.48
CA ASN B 136 12.06 13.35 -7.22
C ASN B 136 12.90 13.60 -5.97
N ASN B 137 13.20 12.50 -5.24
CA ASN B 137 14.07 12.37 -4.06
C ASN B 137 13.91 13.47 -3.01
N PHE B 138 12.79 13.44 -2.30
CA PHE B 138 12.52 14.45 -1.29
C PHE B 138 12.24 13.85 0.07
N TYR B 139 12.29 14.71 1.09
CA TYR B 139 12.03 14.36 2.47
C TYR B 139 11.67 15.64 3.22
N PRO B 140 10.61 15.67 4.07
CA PRO B 140 9.69 14.57 4.44
C PRO B 140 8.69 14.25 3.32
N ARG B 141 7.86 13.22 3.52
CA ARG B 141 6.87 12.74 2.56
C ARG B 141 5.81 13.78 2.17
N GLU B 142 5.43 14.68 3.09
CA GLU B 142 4.41 15.70 2.81
C GLU B 142 4.82 16.66 1.72
N ALA B 143 3.96 16.80 0.71
CA ALA B 143 4.20 17.70 -0.41
C ALA B 143 2.84 18.03 -1.03
N LYS B 144 2.72 19.20 -1.65
CA LYS B 144 1.47 19.59 -2.28
C LYS B 144 1.72 19.85 -3.74
N VAL B 145 0.95 19.18 -4.61
CA VAL B 145 1.04 19.35 -6.06
C VAL B 145 -0.27 19.99 -6.52
N GLN B 146 -0.20 21.16 -7.17
CA GLN B 146 -1.39 21.81 -7.66
C GLN B 146 -1.31 21.88 -9.18
N TRP B 147 -2.37 21.47 -9.87
CA TRP B 147 -2.45 21.54 -11.31
C TRP B 147 -3.21 22.79 -11.73
N LYS B 148 -2.67 23.51 -12.71
CA LYS B 148 -3.24 24.74 -13.27
C LYS B 148 -3.31 24.58 -14.77
N VAL B 149 -4.50 24.85 -15.34
CA VAL B 149 -4.80 24.76 -16.77
C VAL B 149 -5.37 26.13 -17.14
N ASP B 150 -4.63 26.90 -17.97
CA ASP B 150 -4.96 28.27 -18.38
C ASP B 150 -5.06 29.19 -17.15
N ASN B 151 -4.15 28.93 -16.17
CA ASN B 151 -4.01 29.61 -14.86
C ASN B 151 -5.11 29.26 -13.84
N ALA B 152 -6.04 28.35 -14.20
CA ALA B 152 -7.14 27.92 -13.36
C ALA B 152 -6.84 26.59 -12.65
N LEU B 153 -7.15 26.55 -11.35
CA LEU B 153 -6.93 25.41 -10.47
C LEU B 153 -7.81 24.21 -10.85
N GLN B 154 -7.19 23.03 -10.94
CA GLN B 154 -7.85 21.76 -11.24
C GLN B 154 -8.12 21.01 -9.94
N SER B 155 -9.20 20.24 -9.89
CA SER B 155 -9.54 19.43 -8.72
C SER B 155 -10.31 18.19 -9.15
N GLY B 156 -10.00 17.05 -8.51
CA GLY B 156 -10.64 15.77 -8.76
C GLY B 156 -10.23 15.02 -10.02
N ASN B 157 -9.41 15.63 -10.90
CA ASN B 157 -8.98 14.95 -12.13
C ASN B 157 -7.50 14.53 -12.06
N SER B 158 -6.96 14.41 -10.84
CA SER B 158 -5.58 13.95 -10.66
C SER B 158 -5.43 12.86 -9.61
N GLN B 159 -4.45 11.98 -9.80
CA GLN B 159 -4.15 10.91 -8.88
C GLN B 159 -2.65 10.95 -8.63
N GLU B 160 -2.24 10.63 -7.40
CA GLU B 160 -0.85 10.62 -6.91
C GLU B 160 -0.45 9.23 -6.51
N SER B 161 0.84 8.93 -6.68
CA SER B 161 1.41 7.67 -6.25
C SER B 161 2.76 7.99 -5.62
N VAL B 162 3.06 7.41 -4.47
CA VAL B 162 4.32 7.68 -3.77
C VAL B 162 5.09 6.40 -3.58
N THR B 163 6.39 6.44 -3.82
CA THR B 163 7.23 5.27 -3.62
C THR B 163 7.39 5.01 -2.13
N GLU B 164 7.85 3.81 -1.77
CA GLU B 164 8.20 3.48 -0.38
C GLU B 164 9.49 4.27 -0.07
N GLN B 165 9.74 4.57 1.21
CA GLN B 165 10.95 5.26 1.61
C GLN B 165 12.17 4.49 1.08
N ASP B 166 13.06 5.18 0.37
CA ASP B 166 14.23 4.56 -0.26
C ASP B 166 15.17 3.92 0.78
N SER B 167 15.59 2.66 0.55
CA SER B 167 16.47 1.94 1.48
C SER B 167 17.89 2.53 1.56
N LYS B 168 18.32 3.24 0.50
CA LYS B 168 19.66 3.86 0.44
C LYS B 168 19.72 5.29 1.01
N ASP B 169 18.86 6.20 0.51
CA ASP B 169 18.88 7.60 0.97
C ASP B 169 17.70 8.09 1.84
N SER B 170 16.76 7.18 2.21
CA SER B 170 15.59 7.49 3.06
C SER B 170 14.64 8.57 2.46
N THR B 171 14.69 8.77 1.14
CA THR B 171 13.83 9.78 0.52
C THR B 171 12.61 9.11 -0.13
N TYR B 172 11.70 9.96 -0.60
CA TYR B 172 10.47 9.54 -1.29
C TYR B 172 10.46 10.17 -2.70
N SER B 173 9.69 9.58 -3.61
CA SER B 173 9.45 10.15 -4.93
C SER B 173 7.94 10.09 -5.12
N LEU B 174 7.40 11.00 -5.92
CA LEU B 174 5.96 11.06 -6.12
C LEU B 174 5.67 11.38 -7.56
N SER B 175 4.60 10.79 -8.08
CA SER B 175 4.12 11.02 -9.45
CA SER B 175 4.16 11.05 -9.43
C SER B 175 2.71 11.53 -9.31
N SER B 176 2.38 12.60 -10.00
CA SER B 176 1.00 13.11 -9.97
C SER B 176 0.55 13.09 -11.45
N THR B 177 -0.60 12.47 -11.74
CA THR B 177 -1.10 12.36 -13.09
C THR B 177 -2.42 13.09 -13.20
N LEU B 178 -2.49 14.06 -14.12
CA LEU B 178 -3.70 14.82 -14.46
C LEU B 178 -4.28 14.20 -15.72
N THR B 179 -5.54 13.73 -15.63
CA THR B 179 -6.21 13.05 -16.75
C THR B 179 -7.32 13.93 -17.27
N LEU B 180 -7.29 14.22 -18.59
CA LEU B 180 -8.26 15.06 -19.29
C LEU B 180 -8.70 14.35 -20.55
N SER B 181 -9.91 14.65 -21.05
CA SER B 181 -10.38 14.13 -22.32
C SER B 181 -9.59 14.88 -23.39
N LYS B 182 -9.47 14.30 -24.59
CA LYS B 182 -8.77 14.91 -25.73
C LYS B 182 -9.38 16.32 -25.99
N ALA B 183 -10.74 16.42 -25.98
CA ALA B 183 -11.47 17.68 -26.21
C ALA B 183 -11.12 18.75 -25.20
N ASP B 184 -11.08 18.40 -23.90
CA ASP B 184 -10.70 19.36 -22.86
C ASP B 184 -9.24 19.79 -22.96
N TYR B 185 -8.33 18.84 -23.25
CA TYR B 185 -6.90 19.12 -23.40
C TYR B 185 -6.63 20.12 -24.54
N GLU B 186 -7.17 19.84 -25.73
CA GLU B 186 -7.01 20.66 -26.92
C GLU B 186 -7.68 22.04 -26.81
N LYS B 187 -8.60 22.20 -25.83
CA LYS B 187 -9.34 23.44 -25.58
C LYS B 187 -8.49 24.51 -24.87
N HIS B 188 -7.46 24.07 -24.13
CA HIS B 188 -6.57 24.95 -23.36
C HIS B 188 -5.13 24.94 -23.86
N LYS B 189 -4.33 25.95 -23.44
CA LYS B 189 -2.96 26.15 -23.88
C LYS B 189 -1.85 25.87 -22.86
N VAL B 190 -1.88 26.52 -21.68
CA VAL B 190 -0.83 26.37 -20.66
C VAL B 190 -1.16 25.33 -19.61
N TYR B 191 -0.24 24.39 -19.41
CA TYR B 191 -0.39 23.32 -18.42
C TYR B 191 0.73 23.44 -17.40
N ALA B 192 0.39 23.55 -16.11
CA ALA B 192 1.42 23.74 -15.10
C ALA B 192 1.21 22.91 -13.85
N CYS B 193 2.32 22.48 -13.19
CA CYS B 193 2.38 21.72 -11.92
C CYS B 193 3.09 22.65 -10.93
N GLU B 194 2.40 23.10 -9.84
CA GLU B 194 2.97 24.00 -8.82
C GLU B 194 3.17 23.21 -7.54
N VAL B 195 4.45 23.06 -7.13
CA VAL B 195 4.84 22.24 -5.98
C VAL B 195 5.31 23.10 -4.79
N THR B 196 4.85 22.71 -3.59
CA THR B 196 5.22 23.29 -2.29
C THR B 196 5.65 22.16 -1.38
N HIS B 197 6.72 22.40 -0.61
CA HIS B 197 7.32 21.39 0.26
C HIS B 197 8.13 22.14 1.26
N GLN B 198 8.39 21.53 2.43
CA GLN B 198 9.19 22.14 3.50
C GLN B 198 10.59 22.55 3.07
N GLY B 199 11.20 21.78 2.16
CA GLY B 199 12.53 22.02 1.61
C GLY B 199 12.66 23.23 0.70
N LEU B 200 11.53 23.84 0.29
CA LEU B 200 11.50 24.98 -0.63
C LEU B 200 11.13 26.28 0.07
N SER B 201 11.79 27.40 -0.33
CA SER B 201 11.52 28.74 0.18
C SER B 201 10.64 29.50 -0.81
N SER B 202 10.46 28.94 -2.02
CA SER B 202 9.60 29.49 -3.05
C SER B 202 8.90 28.33 -3.77
N PRO B 203 7.61 28.48 -4.20
CA PRO B 203 6.93 27.37 -4.89
C PRO B 203 7.57 27.08 -6.23
N VAL B 204 7.68 25.81 -6.61
CA VAL B 204 8.26 25.46 -7.91
C VAL B 204 7.16 25.14 -8.93
N THR B 205 7.08 25.93 -10.01
CA THR B 205 6.11 25.70 -11.06
C THR B 205 6.83 25.26 -12.32
N LYS B 206 6.43 24.11 -12.88
CA LYS B 206 6.95 23.58 -14.15
C LYS B 206 5.79 23.62 -15.13
N SER B 207 6.03 24.14 -16.35
CA SER B 207 4.97 24.27 -17.32
C SER B 207 5.37 23.97 -18.76
N PHE B 208 4.36 23.88 -19.61
CA PHE B 208 4.51 23.71 -21.05
C PHE B 208 3.27 24.25 -21.70
N ASN B 209 3.39 24.65 -22.98
CA ASN B 209 2.31 25.13 -23.80
C ASN B 209 2.06 24.02 -24.79
N ARG B 210 0.81 23.60 -24.93
CA ARG B 210 0.41 22.53 -25.84
C ARG B 210 0.81 22.92 -27.28
N GLY B 211 1.46 22.00 -27.99
CA GLY B 211 1.94 22.20 -29.35
C GLY B 211 3.24 22.99 -29.46
N GLU B 212 3.97 23.12 -28.31
CA GLU B 212 5.25 23.83 -28.15
C GLU B 212 5.24 25.29 -28.59
C1 MAN C . -11.06 -22.35 25.08
C2 MAN C . -10.18 -23.02 24.03
C3 MAN C . -9.64 -24.31 24.62
C4 MAN C . -8.84 -23.99 25.89
C5 MAN C . -9.68 -23.21 26.89
C6 MAN C . -8.82 -22.77 28.07
O1 MAN C . -12.18 -23.20 25.40
O2 MAN C . -9.11 -22.11 23.73
O3 MAN C . -8.80 -25.02 23.71
O4 MAN C . -8.34 -25.20 26.48
O5 MAN C . -10.30 -22.08 26.26
O6 MAN C . -9.41 -21.66 28.76
C1 MAN C . -9.22 -21.49 22.45
C2 MAN C . -7.89 -20.77 22.14
C3 MAN C . -7.68 -19.63 23.13
C4 MAN C . -8.85 -18.68 23.02
C5 MAN C . -10.16 -19.43 23.30
C6 MAN C . -11.34 -18.49 23.16
O2 MAN C . -8.03 -20.19 20.83
O3 MAN C . -6.46 -18.94 22.82
O4 MAN C . -8.69 -17.60 23.93
O5 MAN C . -10.31 -20.56 22.42
O6 MAN C . -11.55 -18.19 21.77
S SO4 D . -22.60 -19.93 9.72
O1 SO4 D . -21.49 -19.80 10.63
O2 SO4 D . -23.82 -20.15 10.52
O3 SO4 D . -22.73 -18.70 8.93
O4 SO4 D . -22.35 -21.07 8.84
S SO4 E . -11.92 -2.89 -24.72
O1 SO4 E . -11.64 -1.97 -23.64
O2 SO4 E . -13.25 -3.46 -24.57
O3 SO4 E . -11.81 -2.17 -25.99
O4 SO4 E . -10.93 -3.98 -24.68
C1 GOL F . 10.12 -8.19 15.96
O1 GOL F . 9.10 -9.05 16.57
C2 GOL F . 10.39 -6.96 16.87
O2 GOL F . 10.61 -7.47 18.08
C3 GOL F . 11.74 -6.26 16.67
O3 GOL F . 11.60 -5.07 15.87
#